data_6R5W
#
_entry.id   6R5W
#
_cell.length_a   134.700
_cell.length_b   134.700
_cell.length_c   79.360
_cell.angle_alpha   90.000
_cell.angle_beta   90.000
_cell.angle_gamma   120.000
#
_symmetry.space_group_name_H-M   'P 31 2 1'
#
loop_
_entity.id
_entity.type
_entity.pdbx_description
1 polymer 'Gp15 protein'
2 non-polymer 'PENTAETHYLENE GLYCOL'
3 non-polymer 'CADMIUM ION'
4 non-polymer 'ACETATE ION'
5 water water
#
_entity_poly.entity_id   1
_entity_poly.type   'polypeptide(L)'
_entity_poly.pdbx_seq_one_letter_code
;NPAQFAQKTVLDEHVNDADIHVTATDKTNWNAKETVEGAQAKADKALADAKAFFELSSSVQSVTLTPKNGFVASQPLIAR
YIKFGNRFLVIVSGIVGKGTGSGTGICATLPTFLAPDASWNKLYSAAQQSTAASNQANIYLSVSADINIVGVGSVDVNTG
LDGIIYLTKEVTT
;
_entity_poly.pdbx_strand_id   A,B,C
#
loop_
_chem_comp.id
_chem_comp.type
_chem_comp.name
_chem_comp.formula
1PE non-polymer 'PENTAETHYLENE GLYCOL' 'C10 H22 O6'
ACT non-polymer 'ACETATE ION' 'C2 H3 O2 -1'
CD non-polymer 'CADMIUM ION' 'Cd 2'
#
# COMPACT_ATOMS: atom_id res chain seq x y z
N ALA A 3 -32.66 -25.30 69.67
CA ALA A 3 -33.70 -25.87 70.52
C ALA A 3 -34.41 -27.02 69.82
N GLN A 4 -35.23 -26.69 68.83
CA GLN A 4 -35.95 -27.69 68.07
C GLN A 4 -35.01 -28.32 67.05
N PHE A 5 -35.38 -29.51 66.60
CA PHE A 5 -34.59 -30.30 65.68
C PHE A 5 -35.10 -30.15 64.25
N ALA A 6 -34.16 -30.30 63.32
CA ALA A 6 -34.46 -30.20 61.90
C ALA A 6 -35.06 -31.50 61.39
N GLN A 7 -36.01 -31.38 60.47
CA GLN A 7 -36.65 -32.54 59.87
C GLN A 7 -35.70 -33.17 58.84
N LYS A 8 -35.61 -34.51 58.86
CA LYS A 8 -34.77 -35.20 57.89
C LYS A 8 -35.22 -34.85 56.47
N THR A 9 -36.53 -34.69 56.25
CA THR A 9 -37.04 -34.40 54.91
C THR A 9 -36.49 -33.08 54.39
N VAL A 10 -36.41 -32.07 55.27
CA VAL A 10 -35.98 -30.74 54.86
C VAL A 10 -34.49 -30.73 54.53
N LEU A 11 -33.68 -31.35 55.39
CA LEU A 11 -32.27 -31.52 55.09
C LEU A 11 -32.10 -32.32 53.81
N ASP A 12 -32.89 -33.38 53.63
CA ASP A 12 -32.76 -34.22 52.44
C ASP A 12 -33.08 -33.43 51.18
N GLU A 13 -34.15 -32.63 51.20
CA GLU A 13 -34.50 -31.88 49.99
C GLU A 13 -33.41 -30.88 49.66
N HIS A 14 -32.84 -30.23 50.68
CA HIS A 14 -31.75 -29.28 50.45
C HIS A 14 -30.54 -29.98 49.87
N VAL A 15 -30.15 -31.10 50.48
CA VAL A 15 -28.97 -31.85 50.07
C VAL A 15 -29.12 -32.40 48.67
N ASN A 16 -30.34 -32.73 48.25
CA ASN A 16 -30.57 -33.33 46.94
C ASN A 16 -30.96 -32.31 45.89
N ASP A 17 -30.96 -31.03 46.27
CA ASP A 17 -31.21 -29.92 45.35
C ASP A 17 -29.89 -29.60 44.63
N ALA A 18 -29.66 -30.31 43.54
CA ALA A 18 -28.44 -30.11 42.79
C ALA A 18 -28.34 -28.71 42.21
N ASP A 19 -29.50 -28.02 41.98
CA ASP A 19 -29.50 -26.71 41.33
C ASP A 19 -28.79 -25.63 42.12
N ILE A 20 -28.66 -25.76 43.44
CA ILE A 20 -28.10 -24.70 44.26
C ILE A 20 -26.69 -25.02 44.75
N HIS A 21 -26.14 -26.15 44.35
CA HIS A 21 -24.78 -26.54 44.67
C HIS A 21 -23.98 -26.68 43.38
N VAL A 22 -22.67 -26.85 43.57
CA VAL A 22 -21.74 -27.01 42.48
C VAL A 22 -20.89 -28.26 42.74
N THR A 23 -19.96 -28.54 41.81
CA THR A 23 -18.94 -29.57 42.02
C THR A 23 -17.55 -28.97 42.02
N ALA A 24 -16.59 -29.75 42.57
CA ALA A 24 -15.22 -29.24 42.58
C ALA A 24 -14.71 -29.01 41.17
N THR A 25 -15.11 -29.89 40.23
CA THR A 25 -14.63 -29.76 38.85
C THR A 25 -15.26 -28.54 38.17
N ASP A 26 -16.52 -28.23 38.49
CA ASP A 26 -17.13 -26.98 38.03
C ASP A 26 -16.24 -25.76 38.39
N LYS A 27 -15.79 -25.70 39.66
CA LYS A 27 -15.05 -24.52 40.12
C LYS A 27 -13.70 -24.40 39.44
N THR A 28 -13.04 -25.54 39.18
CA THR A 28 -11.82 -25.52 38.38
C THR A 28 -12.07 -25.04 36.94
N ASN A 29 -13.12 -25.57 36.31
CA ASN A 29 -13.55 -25.11 34.99
C ASN A 29 -13.79 -23.59 34.98
N TRP A 30 -14.60 -23.10 35.92
CA TRP A 30 -14.98 -21.69 35.92
C TRP A 30 -13.78 -20.82 36.25
N ASN A 31 -12.91 -21.27 37.14
CA ASN A 31 -11.73 -20.46 37.45
C ASN A 31 -10.81 -20.30 36.24
N ALA A 32 -10.77 -21.29 35.36
CA ALA A 32 -9.91 -21.30 34.20
C ALA A 32 -10.48 -20.53 33.01
N LYS A 33 -11.72 -20.03 33.11
CA LYS A 33 -12.31 -19.30 31.97
C LYS A 33 -11.51 -18.04 31.64
N GLU A 34 -11.66 -17.57 30.41
CA GLU A 34 -10.92 -16.38 29.97
C GLU A 34 -11.36 -15.13 30.71
N THR A 35 -10.40 -14.22 30.94
CA THR A 35 -10.76 -12.92 31.47
C THR A 35 -10.81 -11.87 30.38
N VAL A 36 -11.49 -10.78 30.69
CA VAL A 36 -11.55 -9.67 29.74
C VAL A 36 -10.14 -9.17 29.42
N GLU A 37 -9.26 -9.13 30.43
CA GLU A 37 -7.90 -8.65 30.21
C GLU A 37 -7.11 -9.61 29.34
N GLY A 38 -7.34 -10.93 29.51
CA GLY A 38 -6.67 -11.90 28.66
C GLY A 38 -7.18 -11.86 27.22
N ALA A 39 -8.49 -11.70 27.03
CA ALA A 39 -9.05 -11.60 25.68
C ALA A 39 -8.54 -10.34 25.01
N GLN A 40 -8.43 -9.24 25.75
CA GLN A 40 -7.93 -7.99 25.16
C GLN A 40 -6.46 -8.09 24.82
N ALA A 41 -5.66 -8.79 25.63
CA ALA A 41 -4.26 -9.01 25.30
C ALA A 41 -4.11 -9.78 24.00
N LYS A 42 -4.95 -10.79 23.78
CA LYS A 42 -4.87 -11.59 22.57
C LYS A 42 -5.27 -10.76 21.34
N ALA A 43 -6.31 -9.94 21.47
CA ALA A 43 -6.75 -9.06 20.39
C ALA A 43 -5.66 -8.00 20.10
N ASP A 44 -5.05 -7.46 21.18
CA ASP A 44 -3.98 -6.49 21.01
C ASP A 44 -2.81 -7.10 20.26
N LYS A 45 -2.47 -8.37 20.56
CA LYS A 45 -1.40 -9.04 19.87
C LYS A 45 -1.75 -9.33 18.41
N ALA A 46 -3.00 -9.68 18.13
CA ALA A 46 -3.41 -9.85 16.73
C ALA A 46 -3.22 -8.57 15.94
N LEU A 47 -3.60 -7.43 16.53
CA LEU A 47 -3.41 -6.13 15.89
C LEU A 47 -1.94 -5.85 15.67
N ALA A 48 -1.11 -6.11 16.67
CA ALA A 48 0.32 -5.86 16.53
C ALA A 48 0.94 -6.74 15.46
N ASP A 49 0.50 -8.01 15.39
CA ASP A 49 1.00 -8.90 14.37
C ASP A 49 0.55 -8.43 12.98
N ALA A 50 -0.68 -7.91 12.89
CA ALA A 50 -1.19 -7.40 11.61
C ALA A 50 -0.37 -6.21 11.17
N LYS A 51 -0.10 -5.27 12.08
CA LYS A 51 0.71 -4.09 11.75
C LYS A 51 2.10 -4.49 11.28
N ALA A 52 2.71 -5.47 11.97
CA ALA A 52 4.04 -5.94 11.58
C ALA A 52 4.01 -6.61 10.20
N PHE A 53 2.97 -7.41 9.92
CA PHE A 53 2.87 -8.05 8.62
C PHE A 53 2.77 -7.00 7.48
N PHE A 54 1.99 -5.95 7.71
CA PHE A 54 1.86 -4.88 6.74
C PHE A 54 3.17 -4.16 6.49
N GLU A 55 3.88 -3.79 7.56
CA GLU A 55 5.16 -3.09 7.40
C GLU A 55 6.14 -3.94 6.64
N LEU A 56 6.18 -5.23 6.94
CA LEU A 56 7.05 -6.15 6.22
C LEU A 56 6.67 -6.19 4.74
N SER A 57 5.38 -6.32 4.46
CA SER A 57 4.94 -6.53 3.09
C SER A 57 5.24 -5.33 2.22
N SER A 58 5.27 -4.14 2.78
CA SER A 58 5.28 -2.88 2.03
C SER A 58 6.63 -2.18 2.10
N SER A 59 7.64 -2.87 2.57
CA SER A 59 9.00 -2.34 2.66
CA SER A 59 8.96 -2.27 2.65
C SER A 59 9.69 -2.35 1.30
N VAL A 60 10.54 -1.35 1.08
CA VAL A 60 11.25 -1.23 -0.19
C VAL A 60 12.48 -2.14 -0.20
N GLN A 61 12.61 -2.91 -1.27
CA GLN A 61 13.75 -3.80 -1.53
C GLN A 61 14.63 -3.20 -2.63
N SER A 62 15.91 -3.63 -2.71
CA SER A 62 16.78 -3.11 -3.74
C SER A 62 17.71 -4.19 -4.28
N VAL A 63 18.12 -4.04 -5.54
CA VAL A 63 19.19 -4.84 -6.14
C VAL A 63 20.08 -3.91 -6.95
N THR A 64 21.40 -4.18 -6.96
CA THR A 64 22.32 -3.42 -7.78
C THR A 64 22.50 -4.05 -9.16
N LEU A 65 22.52 -3.23 -10.19
CA LEU A 65 22.67 -3.69 -11.56
C LEU A 65 24.09 -3.43 -12.05
N THR A 66 24.65 -4.38 -12.75
CA THR A 66 25.99 -4.30 -13.32
C THR A 66 25.94 -3.81 -14.77
N PRO A 67 26.68 -2.77 -15.12
CA PRO A 67 26.65 -2.28 -16.51
C PRO A 67 27.25 -3.28 -17.45
N LYS A 68 26.73 -3.28 -18.68
CA LYS A 68 27.09 -4.28 -19.68
C LYS A 68 27.56 -3.59 -20.96
N ASN A 69 28.23 -4.38 -21.81
CA ASN A 69 28.54 -3.95 -23.17
C ASN A 69 29.34 -2.67 -23.23
N GLY A 70 30.27 -2.50 -22.28
CA GLY A 70 31.15 -1.38 -22.27
C GLY A 70 30.62 -0.15 -21.58
N PHE A 71 29.32 -0.10 -21.28
CA PHE A 71 28.81 1.02 -20.51
C PHE A 71 29.47 1.05 -19.12
N VAL A 72 29.50 2.24 -18.53
CA VAL A 72 29.94 2.40 -17.15
C VAL A 72 28.75 2.93 -16.34
N ALA A 73 28.77 2.60 -15.05
CA ALA A 73 27.75 3.11 -14.09
C ALA A 73 28.32 4.42 -13.58
N SER A 74 27.93 5.50 -14.24
CA SER A 74 28.36 6.81 -13.80
C SER A 74 27.73 7.16 -12.46
N GLN A 75 26.50 6.65 -12.23
CA GLN A 75 25.97 6.56 -10.87
C GLN A 75 25.57 5.11 -10.63
N PRO A 76 25.72 4.57 -9.41
CA PRO A 76 25.34 3.17 -9.17
C PRO A 76 23.96 2.88 -9.72
N LEU A 77 23.87 1.76 -10.43
CA LEU A 77 22.61 1.34 -11.05
C LEU A 77 21.86 0.51 -10.04
N ILE A 78 20.74 1.03 -9.54
CA ILE A 78 19.97 0.37 -8.49
C ILE A 78 18.52 0.26 -8.91
N ALA A 79 17.99 -0.91 -8.79
CA ALA A 79 16.54 -1.13 -8.95
C ALA A 79 15.91 -1.32 -7.59
N ARG A 80 14.96 -0.44 -7.26
CA ARG A 80 14.22 -0.55 -6.01
C ARG A 80 12.83 -1.06 -6.32
N TYR A 81 12.31 -1.90 -5.45
CA TYR A 81 11.02 -2.51 -5.78
C TYR A 81 10.17 -2.78 -4.55
N ILE A 82 8.87 -2.76 -4.77
CA ILE A 82 7.89 -2.86 -3.71
C ILE A 82 6.87 -3.93 -4.05
N LYS A 83 6.52 -4.76 -3.08
CA LYS A 83 5.50 -5.77 -3.29
C LYS A 83 4.10 -5.16 -3.28
N PHE A 84 3.29 -5.51 -4.30
CA PHE A 84 1.88 -5.20 -4.32
C PHE A 84 1.17 -6.45 -4.73
N GLY A 85 0.49 -7.08 -3.80
CA GLY A 85 -0.12 -8.37 -4.05
C GLY A 85 0.95 -9.37 -4.45
N ASN A 86 0.75 -10.02 -5.60
CA ASN A 86 1.73 -10.94 -6.15
C ASN A 86 2.52 -10.36 -7.30
N ARG A 87 2.71 -9.03 -7.30
CA ARG A 87 3.57 -8.39 -8.26
C ARG A 87 4.54 -7.51 -7.52
N PHE A 88 5.46 -6.92 -8.27
CA PHE A 88 6.33 -5.88 -7.76
C PHE A 88 6.18 -4.63 -8.64
N LEU A 89 6.24 -3.45 -7.99
CA LEU A 89 6.49 -2.20 -8.67
C LEU A 89 7.98 -1.96 -8.63
N VAL A 90 8.58 -1.75 -9.79
CA VAL A 90 10.03 -1.65 -9.94
C VAL A 90 10.35 -0.23 -10.37
N ILE A 91 11.31 0.40 -9.68
CA ILE A 91 11.71 1.78 -9.96
C ILE A 91 13.22 1.80 -10.16
N VAL A 92 13.65 1.96 -11.39
CA VAL A 92 15.08 1.93 -11.72
C VAL A 92 15.70 3.30 -11.43
N SER A 93 17.00 3.32 -11.12
CA SER A 93 17.72 4.57 -10.91
C SER A 93 19.17 4.40 -11.41
N GLY A 94 19.78 5.54 -11.68
CA GLY A 94 21.16 5.61 -12.08
C GLY A 94 21.37 6.26 -13.43
N ILE A 95 22.66 6.41 -13.80
CA ILE A 95 23.08 7.09 -15.01
C ILE A 95 24.19 6.26 -15.62
N VAL A 96 24.08 5.96 -16.93
CA VAL A 96 25.12 5.16 -17.61
C VAL A 96 25.92 6.11 -18.52
N GLY A 97 27.20 5.81 -18.64
CA GLY A 97 28.13 6.49 -19.54
C GLY A 97 28.61 5.59 -20.68
N LYS A 98 29.04 6.23 -21.76
CA LYS A 98 29.46 5.51 -22.97
C LYS A 98 30.56 4.52 -22.68
N GLY A 99 31.52 4.90 -21.82
CA GLY A 99 32.58 3.95 -21.50
C GLY A 99 33.31 3.59 -22.79
N THR A 100 33.55 2.33 -22.95
CA THR A 100 34.20 1.81 -24.15
C THR A 100 33.21 1.28 -25.18
N GLY A 101 31.92 1.39 -24.94
CA GLY A 101 30.93 0.90 -25.88
C GLY A 101 30.50 2.00 -26.80
N SER A 102 29.33 1.79 -27.43
CA SER A 102 28.81 2.72 -28.41
C SER A 102 27.86 3.76 -27.85
N GLY A 103 27.47 3.63 -26.58
CA GLY A 103 26.44 4.54 -26.09
C GLY A 103 25.04 4.06 -26.36
N THR A 104 24.94 2.92 -27.05
CA THR A 104 23.66 2.37 -27.46
C THR A 104 23.60 0.89 -27.19
N GLY A 105 22.40 0.31 -27.26
CA GLY A 105 22.28 -1.08 -26.93
C GLY A 105 21.99 -1.34 -25.47
N ILE A 106 22.17 -2.59 -25.08
CA ILE A 106 21.83 -3.05 -23.73
C ILE A 106 22.90 -2.60 -22.73
N CYS A 107 22.52 -1.74 -21.82
CA CYS A 107 23.45 -1.21 -20.81
C CYS A 107 23.38 -1.93 -19.47
N ALA A 108 22.35 -2.72 -19.23
CA ALA A 108 22.12 -3.45 -17.99
C ALA A 108 20.89 -4.32 -18.18
N THR A 109 20.82 -5.36 -17.37
CA THR A 109 19.73 -6.32 -17.33
C THR A 109 19.31 -6.59 -15.91
N LEU A 110 18.01 -6.52 -15.63
CA LEU A 110 17.53 -6.77 -14.28
C LEU A 110 17.37 -8.27 -14.05
N PRO A 111 17.33 -8.69 -12.79
CA PRO A 111 17.08 -10.11 -12.49
C PRO A 111 15.77 -10.61 -13.07
N THR A 112 15.74 -11.93 -13.35
CA THR A 112 14.56 -12.56 -13.94
C THR A 112 13.27 -12.38 -13.11
N PHE A 113 13.36 -12.40 -11.76
CA PHE A 113 12.14 -12.19 -11.00
C PHE A 113 11.58 -10.74 -11.12
N LEU A 114 12.33 -9.82 -11.73
CA LEU A 114 11.81 -8.48 -12.00
C LEU A 114 11.46 -8.32 -13.48
N ALA A 115 11.25 -9.42 -14.21
CA ALA A 115 10.83 -9.28 -15.61
C ALA A 115 9.48 -8.54 -15.69
N PRO A 116 9.28 -7.67 -16.67
CA PRO A 116 8.02 -6.91 -16.74
C PRO A 116 6.82 -7.73 -17.20
N ASP A 117 5.63 -7.32 -16.78
CA ASP A 117 4.40 -7.79 -17.39
C ASP A 117 4.25 -7.07 -18.73
N ALA A 118 4.57 -7.76 -19.82
CA ALA A 118 4.56 -7.19 -21.17
C ALA A 118 4.69 -8.36 -22.15
N SER A 119 4.23 -8.13 -23.38
CA SER A 119 4.44 -9.13 -24.44
C SER A 119 5.47 -8.68 -25.48
N TRP A 120 5.93 -7.44 -25.43
CA TRP A 120 7.01 -6.97 -26.28
C TRP A 120 7.70 -5.83 -25.51
N ASN A 121 8.60 -5.15 -26.17
CA ASN A 121 9.32 -4.06 -25.50
C ASN A 121 8.37 -3.01 -24.96
N LYS A 122 8.71 -2.42 -23.81
CA LYS A 122 8.10 -1.20 -23.31
C LYS A 122 9.03 -0.03 -23.63
N LEU A 123 8.43 1.10 -23.99
CA LEU A 123 9.17 2.25 -24.53
C LEU A 123 9.16 3.41 -23.53
N TYR A 124 10.33 3.94 -23.23
CA TYR A 124 10.48 5.04 -22.28
C TYR A 124 11.27 6.19 -22.85
N SER A 125 10.79 7.40 -22.58
CA SER A 125 11.55 8.63 -22.84
C SER A 125 12.46 8.91 -21.65
N ALA A 126 13.76 9.15 -21.90
CA ALA A 126 14.72 9.36 -20.82
C ALA A 126 15.52 10.64 -21.11
N ALA A 127 15.91 11.31 -20.04
CA ALA A 127 16.81 12.44 -20.22
C ALA A 127 18.26 11.96 -20.40
N GLN A 128 19.02 12.74 -21.16
CA GLN A 128 20.47 12.64 -21.08
C GLN A 128 20.98 13.78 -20.21
N GLN A 129 22.22 13.63 -19.78
CA GLN A 129 22.86 14.56 -18.86
C GLN A 129 23.41 15.78 -19.58
N SER A 130 22.49 16.64 -20.02
CA SER A 130 22.85 17.72 -20.91
C SER A 130 21.90 18.88 -20.86
N THR A 131 22.47 20.08 -21.07
CA THR A 131 21.67 21.28 -21.16
C THR A 131 20.99 21.46 -22.49
N ALA A 132 21.35 20.67 -23.50
CA ALA A 132 20.64 20.70 -24.77
C ALA A 132 19.46 19.72 -24.68
N ALA A 133 18.24 20.25 -24.83
CA ALA A 133 17.05 19.42 -24.68
C ALA A 133 16.86 18.42 -25.83
N SER A 134 17.57 18.59 -26.94
CA SER A 134 17.57 17.55 -27.96
C SER A 134 18.38 16.32 -27.54
N ASN A 135 19.16 16.39 -26.48
CA ASN A 135 19.86 15.23 -25.93
C ASN A 135 18.97 14.50 -24.92
N GLN A 136 18.12 13.61 -25.48
CA GLN A 136 17.23 12.70 -24.74
C GLN A 136 17.37 11.35 -25.44
N ALA A 137 16.67 10.35 -24.92
CA ALA A 137 16.85 8.96 -25.35
C ALA A 137 15.50 8.27 -25.45
N ASN A 138 15.42 7.37 -26.43
CA ASN A 138 14.36 6.36 -26.50
C ASN A 138 14.94 5.05 -25.97
N ILE A 139 14.39 4.56 -24.86
CA ILE A 139 14.91 3.37 -24.18
C ILE A 139 13.82 2.30 -24.23
N TYR A 140 14.21 1.09 -24.61
CA TYR A 140 13.33 -0.04 -24.56
C TYR A 140 13.62 -0.90 -23.34
N LEU A 141 12.56 -1.34 -22.66
CA LEU A 141 12.69 -2.35 -21.61
C LEU A 141 12.19 -3.63 -22.25
N SER A 142 13.05 -4.63 -22.38
CA SER A 142 12.66 -5.87 -23.09
C SER A 142 11.88 -6.81 -22.16
N VAL A 143 11.24 -7.83 -22.74
CA VAL A 143 10.52 -8.78 -21.98
C VAL A 143 11.43 -9.59 -21.03
N SER A 144 12.71 -9.68 -21.32
CA SER A 144 13.65 -10.34 -20.44
C SER A 144 14.33 -9.32 -19.53
N ALA A 145 13.82 -8.08 -19.51
CA ALA A 145 14.29 -7.05 -18.58
C ALA A 145 15.67 -6.50 -18.92
N ASP A 146 16.04 -6.51 -20.20
CA ASP A 146 17.17 -5.73 -20.67
C ASP A 146 16.77 -4.26 -20.83
N ILE A 147 17.68 -3.37 -20.41
CA ILE A 147 17.53 -1.94 -20.61
C ILE A 147 18.31 -1.60 -21.87
N ASN A 148 17.58 -1.39 -22.96
CA ASN A 148 18.15 -1.25 -24.31
C ASN A 148 18.01 0.17 -24.80
N ILE A 149 19.14 0.90 -24.86
CA ILE A 149 19.15 2.26 -25.38
C ILE A 149 19.14 2.23 -26.92
N VAL A 150 18.03 2.62 -27.52
CA VAL A 150 17.76 2.52 -28.95
C VAL A 150 17.99 3.82 -29.69
N GLY A 151 17.70 4.96 -29.06
CA GLY A 151 17.98 6.24 -29.70
C GLY A 151 18.50 7.20 -28.68
N VAL A 152 19.51 8.00 -29.06
CA VAL A 152 20.07 9.01 -28.16
C VAL A 152 20.35 10.27 -28.98
N GLY A 153 20.23 11.42 -28.32
CA GLY A 153 20.58 12.67 -28.97
C GLY A 153 22.07 12.70 -29.28
N SER A 154 22.87 12.16 -28.38
CA SER A 154 24.32 12.08 -28.56
C SER A 154 24.90 10.87 -27.87
N VAL A 155 25.68 10.07 -28.61
CA VAL A 155 26.29 8.89 -28.00
C VAL A 155 27.36 9.22 -26.97
N ASP A 156 27.82 10.46 -26.94
CA ASP A 156 28.88 10.86 -26.03
C ASP A 156 28.38 11.51 -24.75
N VAL A 157 27.09 11.54 -24.51
CA VAL A 157 26.48 12.17 -23.31
C VAL A 157 25.87 11.06 -22.48
N ASN A 158 25.98 11.17 -21.15
CA ASN A 158 25.48 10.11 -20.32
C ASN A 158 23.95 10.07 -20.43
N THR A 159 23.38 8.92 -20.13
CA THR A 159 21.94 8.68 -20.27
C THR A 159 21.33 8.24 -18.93
N GLY A 160 20.24 8.91 -18.52
CA GLY A 160 19.61 8.57 -17.26
C GLY A 160 18.64 7.40 -17.31
N LEU A 161 18.57 6.63 -16.23
CA LEU A 161 17.64 5.50 -16.11
C LEU A 161 16.51 5.77 -15.10
N ASP A 162 16.48 6.96 -14.49
CA ASP A 162 15.59 7.24 -13.37
C ASP A 162 14.11 7.28 -13.73
N GLY A 163 13.73 7.29 -15.01
CA GLY A 163 12.34 7.26 -15.39
C GLY A 163 11.76 5.89 -15.71
N ILE A 164 12.52 4.84 -15.56
CA ILE A 164 12.04 3.50 -15.91
C ILE A 164 11.33 2.92 -14.68
N ILE A 165 9.99 2.83 -14.78
CA ILE A 165 9.13 2.34 -13.71
C ILE A 165 8.11 1.40 -14.33
N TYR A 166 7.92 0.22 -13.71
CA TYR A 166 7.02 -0.77 -14.33
C TYR A 166 6.60 -1.81 -13.28
N LEU A 167 5.56 -2.56 -13.61
CA LEU A 167 5.09 -3.71 -12.84
C LEU A 167 5.50 -5.06 -13.44
N THR A 168 5.81 -6.00 -12.58
CA THR A 168 6.08 -7.39 -12.94
C THR A 168 4.78 -8.21 -13.09
N LYS A 169 4.94 -9.48 -13.51
CA LYS A 169 3.81 -10.40 -13.67
C LYS A 169 3.27 -10.92 -12.33
N GLU A 170 2.06 -11.48 -12.40
CA GLU A 170 1.33 -12.06 -11.29
C GLU A 170 1.92 -13.40 -10.92
N VAL A 171 2.82 -13.41 -9.94
CA VAL A 171 3.60 -14.59 -9.58
C VAL A 171 3.68 -14.69 -8.06
N THR A 172 3.19 -15.80 -7.51
CA THR A 172 3.09 -15.86 -6.05
C THR A 172 4.45 -15.73 -5.39
N THR A 173 4.50 -15.01 -4.28
CA THR A 173 5.69 -14.89 -3.45
C THR A 173 5.27 -14.57 -2.01
N ALA B 3 -36.02 -40.40 64.58
CA ALA B 3 -36.62 -41.06 63.41
C ALA B 3 -36.77 -40.08 62.24
N GLN B 4 -37.72 -39.15 62.38
CA GLN B 4 -37.94 -38.11 61.39
C GLN B 4 -37.01 -36.90 61.56
N PHE B 5 -36.06 -36.94 62.48
CA PHE B 5 -35.16 -35.82 62.69
C PHE B 5 -33.83 -36.05 61.96
N ALA B 6 -33.22 -34.95 61.53
CA ALA B 6 -31.96 -35.04 60.80
C ALA B 6 -30.80 -35.18 61.78
N GLN B 7 -29.86 -36.03 61.43
CA GLN B 7 -28.69 -36.28 62.26
C GLN B 7 -27.65 -35.17 62.13
N LYS B 8 -27.13 -34.76 63.29
CA LYS B 8 -26.11 -33.72 63.32
C LYS B 8 -24.87 -34.10 62.50
N THR B 9 -24.51 -35.39 62.46
CA THR B 9 -23.35 -35.79 61.66
C THR B 9 -23.59 -35.52 60.18
N VAL B 10 -24.83 -35.73 59.71
CA VAL B 10 -25.14 -35.56 58.30
C VAL B 10 -25.13 -34.08 57.94
N LEU B 11 -25.80 -33.25 58.76
CA LEU B 11 -25.74 -31.81 58.54
C LEU B 11 -24.30 -31.30 58.58
N ASP B 12 -23.50 -31.78 59.54
CA ASP B 12 -22.13 -31.28 59.65
C ASP B 12 -21.29 -31.65 58.43
N GLU B 13 -21.38 -32.90 57.93
CA GLU B 13 -20.55 -33.23 56.77
C GLU B 13 -20.96 -32.34 55.57
N HIS B 14 -22.26 -32.07 55.42
CA HIS B 14 -22.71 -31.26 54.30
C HIS B 14 -22.15 -29.85 54.38
N VAL B 15 -22.30 -29.21 55.54
CA VAL B 15 -21.86 -27.84 55.73
C VAL B 15 -20.37 -27.68 55.55
N ASN B 16 -19.58 -28.72 55.82
CA ASN B 16 -18.14 -28.65 55.65
C ASN B 16 -17.65 -29.17 54.31
N ASP B 17 -18.55 -29.54 53.39
CA ASP B 17 -18.11 -29.98 52.07
C ASP B 17 -17.89 -28.70 51.28
N ALA B 18 -16.70 -28.14 51.39
CA ALA B 18 -16.42 -26.88 50.73
C ALA B 18 -16.50 -27.04 49.22
N ASP B 19 -16.36 -28.28 48.73
CA ASP B 19 -16.29 -28.56 47.31
C ASP B 19 -17.59 -28.25 46.58
N ILE B 20 -18.71 -28.31 47.28
CA ILE B 20 -20.02 -28.19 46.63
C ILE B 20 -20.64 -26.84 46.89
N HIS B 21 -19.97 -25.99 47.66
CA HIS B 21 -20.42 -24.65 47.96
C HIS B 21 -19.45 -23.66 47.31
N VAL B 22 -19.86 -22.39 47.32
CA VAL B 22 -19.07 -21.34 46.72
C VAL B 22 -18.88 -20.23 47.76
N THR B 23 -18.10 -19.20 47.39
CA THR B 23 -18.00 -17.97 48.17
C THR B 23 -18.45 -16.77 47.35
N ALA B 24 -18.74 -15.66 48.06
CA ALA B 24 -19.15 -14.44 47.36
C ALA B 24 -18.07 -14.01 46.38
N THR B 25 -16.80 -14.20 46.76
CA THR B 25 -15.67 -13.86 45.92
C THR B 25 -15.65 -14.73 44.64
N ASP B 26 -15.92 -16.04 44.80
CA ASP B 26 -16.05 -16.92 43.64
C ASP B 26 -17.06 -16.35 42.63
N LYS B 27 -18.25 -16.01 43.12
CA LYS B 27 -19.33 -15.60 42.22
C LYS B 27 -18.98 -14.28 41.53
N THR B 28 -18.32 -13.37 42.25
CA THR B 28 -17.84 -12.12 41.62
C THR B 28 -16.83 -12.42 40.51
N ASN B 29 -15.85 -13.28 40.80
CA ASN B 29 -14.86 -13.68 39.83
C ASN B 29 -15.49 -14.31 38.61
N TRP B 30 -16.42 -15.26 38.80
CA TRP B 30 -17.00 -15.97 37.65
C TRP B 30 -17.93 -15.07 36.84
N ASN B 31 -18.72 -14.23 37.51
CA ASN B 31 -19.60 -13.33 36.78
C ASN B 31 -18.79 -12.33 35.90
N ALA B 32 -17.58 -11.98 36.29
CA ALA B 32 -16.71 -11.04 35.59
C ALA B 32 -15.90 -11.66 34.44
N LYS B 33 -15.95 -12.97 34.28
CA LYS B 33 -15.19 -13.63 33.23
C LYS B 33 -15.70 -13.14 31.86
N GLU B 34 -14.82 -13.29 30.87
CA GLU B 34 -15.14 -12.88 29.50
C GLU B 34 -16.25 -13.77 28.93
N THR B 35 -17.11 -13.15 28.12
CA THR B 35 -18.15 -13.83 27.38
C THR B 35 -17.69 -14.08 25.93
N VAL B 36 -18.37 -15.02 25.26
CA VAL B 36 -18.05 -15.28 23.86
C VAL B 36 -18.25 -14.01 23.01
N GLU B 37 -19.39 -13.31 23.18
CA GLU B 37 -19.62 -12.11 22.38
C GLU B 37 -18.65 -10.99 22.74
N GLY B 38 -18.25 -10.92 24.00
CA GLY B 38 -17.24 -9.95 24.41
C GLY B 38 -15.86 -10.23 23.83
N ALA B 39 -15.45 -11.51 23.78
CA ALA B 39 -14.18 -11.83 23.14
C ALA B 39 -14.25 -11.54 21.65
N GLN B 40 -15.40 -11.85 21.04
CA GLN B 40 -15.57 -11.64 19.60
C GLN B 40 -15.57 -10.14 19.26
N ALA B 41 -16.16 -9.33 20.12
CA ALA B 41 -16.14 -7.88 19.93
C ALA B 41 -14.72 -7.34 19.96
N LYS B 42 -13.88 -7.85 20.86
CA LYS B 42 -12.51 -7.41 20.94
C LYS B 42 -11.73 -7.82 19.71
N ALA B 43 -11.93 -9.05 19.24
CA ALA B 43 -11.28 -9.48 18.02
C ALA B 43 -11.76 -8.65 16.83
N ASP B 44 -13.07 -8.39 16.76
CA ASP B 44 -13.64 -7.62 15.66
C ASP B 44 -13.01 -6.23 15.65
N LYS B 45 -12.85 -5.64 16.84
CA LYS B 45 -12.24 -4.33 16.95
C LYS B 45 -10.78 -4.33 16.52
N ALA B 46 -10.04 -5.39 16.85
CA ALA B 46 -8.68 -5.52 16.39
C ALA B 46 -8.63 -5.54 14.85
N LEU B 47 -9.54 -6.30 14.24
CA LEU B 47 -9.60 -6.37 12.78
C LEU B 47 -9.92 -5.00 12.19
N ALA B 48 -10.90 -4.30 12.75
CA ALA B 48 -11.28 -2.99 12.24
C ALA B 48 -10.15 -2.01 12.41
N ASP B 49 -9.45 -2.08 13.55
CA ASP B 49 -8.30 -1.23 13.79
C ASP B 49 -7.15 -1.50 12.82
N ALA B 50 -6.93 -2.79 12.49
CA ALA B 50 -5.91 -3.16 11.49
C ALA B 50 -6.24 -2.54 10.12
N LYS B 51 -7.49 -2.69 9.69
CA LYS B 51 -7.92 -2.17 8.39
C LYS B 51 -7.75 -0.65 8.34
N ALA B 52 -8.15 0.05 9.41
CA ALA B 52 -8.04 1.51 9.50
C ALA B 52 -6.58 1.92 9.47
N PHE B 53 -5.72 1.18 10.18
CA PHE B 53 -4.30 1.46 10.18
C PHE B 53 -3.71 1.28 8.78
N PHE B 54 -4.10 0.21 8.07
CA PHE B 54 -3.62 0.05 6.71
C PHE B 54 -4.08 1.20 5.80
N GLU B 55 -5.34 1.63 5.91
CA GLU B 55 -5.84 2.66 5.01
C GLU B 55 -5.10 3.97 5.24
N LEU B 56 -4.86 4.30 6.50
CA LEU B 56 -4.12 5.48 6.89
C LEU B 56 -2.69 5.39 6.40
N SER B 57 -2.01 4.25 6.62
CA SER B 57 -0.60 4.15 6.29
C SER B 57 -0.38 4.29 4.79
N SER B 58 -1.36 3.93 3.99
CA SER B 58 -1.21 3.94 2.54
C SER B 58 -1.93 5.09 1.84
N SER B 59 -2.37 6.11 2.58
CA SER B 59 -3.08 7.24 2.01
C SER B 59 -2.10 8.27 1.45
N VAL B 60 -2.56 9.03 0.48
CA VAL B 60 -1.73 10.00 -0.21
C VAL B 60 -1.73 11.32 0.56
N GLN B 61 -0.53 11.86 0.78
CA GLN B 61 -0.34 13.18 1.34
C GLN B 61 0.04 14.15 0.22
N SER B 62 -0.21 15.45 0.41
CA SER B 62 0.00 16.42 -0.68
C SER B 62 0.57 17.68 -0.07
N VAL B 63 1.45 18.36 -0.82
CA VAL B 63 1.90 19.70 -0.43
C VAL B 63 2.05 20.54 -1.70
N THR B 64 1.55 21.77 -1.66
CA THR B 64 1.68 22.73 -2.77
C THR B 64 3.01 23.45 -2.63
N LEU B 65 3.81 23.44 -3.71
CA LEU B 65 5.16 23.93 -3.71
C LEU B 65 5.24 25.38 -4.16
N THR B 66 6.25 26.09 -3.62
CA THR B 66 6.42 27.50 -3.97
C THR B 66 7.30 27.63 -5.19
N PRO B 67 6.85 28.27 -6.27
CA PRO B 67 7.73 28.46 -7.44
C PRO B 67 8.90 29.40 -7.10
N LYS B 68 10.06 29.12 -7.72
CA LYS B 68 11.32 29.79 -7.40
C LYS B 68 11.92 30.43 -8.67
N ASN B 69 12.85 31.38 -8.45
CA ASN B 69 13.71 31.94 -9.52
C ASN B 69 12.90 32.50 -10.69
N GLY B 70 11.79 33.13 -10.37
CA GLY B 70 10.98 33.80 -11.34
C GLY B 70 9.99 32.94 -12.04
N PHE B 71 10.12 31.62 -11.92
CA PHE B 71 9.08 30.75 -12.47
C PHE B 71 7.72 31.05 -11.84
N VAL B 72 6.66 30.77 -12.57
CA VAL B 72 5.31 30.84 -12.05
C VAL B 72 4.67 29.46 -12.16
N ALA B 73 3.67 29.24 -11.30
CA ALA B 73 2.89 27.99 -11.32
C ALA B 73 1.74 28.18 -12.29
N SER B 74 1.94 27.76 -13.52
CA SER B 74 0.87 27.90 -14.49
C SER B 74 -0.29 26.97 -14.14
N GLN B 75 0.02 25.79 -13.62
CA GLN B 75 -0.88 24.94 -12.87
C GLN B 75 -0.20 24.71 -11.53
N PRO B 76 -0.94 24.63 -10.43
CA PRO B 76 -0.30 24.46 -9.11
C PRO B 76 0.70 23.31 -9.09
N LEU B 77 1.84 23.57 -8.49
CA LEU B 77 2.89 22.59 -8.35
C LEU B 77 2.57 21.83 -7.07
N ILE B 78 2.24 20.55 -7.17
CA ILE B 78 1.85 19.72 -6.04
C ILE B 78 2.72 18.46 -6.01
N ALA B 79 3.32 18.18 -4.86
CA ALA B 79 4.02 16.93 -4.63
C ALA B 79 3.07 16.05 -3.83
N ARG B 80 2.77 14.88 -4.35
CA ARG B 80 1.95 13.88 -3.65
C ARG B 80 2.83 12.73 -3.27
N TYR B 81 2.62 12.21 -2.05
CA TYR B 81 3.53 11.20 -1.57
C TYR B 81 2.86 10.16 -0.69
N ILE B 82 3.42 8.98 -0.75
CA ILE B 82 2.90 7.77 -0.12
C ILE B 82 4.00 7.10 0.69
N LYS B 83 3.67 6.71 1.92
CA LYS B 83 4.62 6.03 2.79
C LYS B 83 4.80 4.57 2.39
N PHE B 84 6.05 4.15 2.27
CA PHE B 84 6.42 2.75 2.11
C PHE B 84 7.56 2.41 3.07
N GLY B 85 7.24 1.64 4.08
CA GLY B 85 8.23 1.35 5.09
C GLY B 85 8.73 2.65 5.67
N ASN B 86 10.03 2.82 5.68
CA ASN B 86 10.65 4.00 6.23
C ASN B 86 10.97 5.07 5.18
N ARG B 87 10.34 5.01 4.02
CA ARG B 87 10.52 6.06 3.04
C ARG B 87 9.20 6.41 2.35
N PHE B 88 9.30 7.30 1.36
CA PHE B 88 8.15 7.70 0.58
C PHE B 88 8.36 7.50 -0.92
N LEU B 89 7.26 7.19 -1.60
CA LEU B 89 7.17 7.37 -3.05
C LEU B 89 6.59 8.76 -3.32
N VAL B 90 7.29 9.57 -4.09
CA VAL B 90 6.89 10.95 -4.41
C VAL B 90 6.53 11.04 -5.90
N ILE B 91 5.40 11.67 -6.18
CA ILE B 91 4.89 11.93 -7.52
C ILE B 91 4.60 13.42 -7.66
N VAL B 92 5.40 14.13 -8.46
CA VAL B 92 5.23 15.57 -8.64
C VAL B 92 4.18 15.83 -9.73
N SER B 93 3.55 17.00 -9.64
CA SER B 93 2.58 17.41 -10.65
C SER B 93 2.65 18.93 -10.82
N GLY B 94 2.13 19.41 -11.95
CA GLY B 94 2.01 20.82 -12.24
C GLY B 94 2.73 21.22 -13.51
N ILE B 95 2.57 22.49 -13.87
CA ILE B 95 3.21 23.06 -15.06
C ILE B 95 3.78 24.41 -14.65
N VAL B 96 5.05 24.64 -14.97
CA VAL B 96 5.68 25.92 -14.64
C VAL B 96 5.73 26.79 -15.90
N GLY B 97 5.60 28.10 -15.68
CA GLY B 97 5.73 29.08 -16.75
C GLY B 97 6.95 29.93 -16.55
N LYS B 98 7.41 30.56 -17.64
CA LYS B 98 8.64 31.33 -17.57
C LYS B 98 8.56 32.44 -16.53
N GLY B 99 7.41 33.11 -16.46
CA GLY B 99 7.26 34.18 -15.48
C GLY B 99 8.31 35.28 -15.71
N THR B 100 8.98 35.70 -14.66
CA THR B 100 10.02 36.72 -14.73
C THR B 100 11.41 36.14 -14.80
N GLY B 101 11.54 34.81 -14.91
CA GLY B 101 12.83 34.16 -14.97
C GLY B 101 13.28 33.90 -16.40
N SER B 102 14.28 33.03 -16.52
CA SER B 102 14.86 32.70 -17.80
C SER B 102 14.26 31.48 -18.50
N GLY B 103 13.41 30.70 -17.82
CA GLY B 103 12.93 29.43 -18.39
C GLY B 103 13.76 28.22 -18.03
N THR B 104 14.88 28.42 -17.38
CA THR B 104 15.71 27.35 -16.84
C THR B 104 16.10 27.70 -15.42
N GLY B 105 16.70 26.73 -14.75
CA GLY B 105 17.09 26.85 -13.34
C GLY B 105 16.10 26.13 -12.41
N ILE B 106 16.29 26.39 -11.09
CA ILE B 106 15.50 25.69 -10.09
C ILE B 106 14.15 26.34 -10.02
N CYS B 107 13.10 25.58 -10.37
CA CYS B 107 11.74 26.12 -10.39
C CYS B 107 10.98 25.86 -9.10
N ALA B 108 11.46 24.95 -8.25
CA ALA B 108 10.83 24.56 -7.00
C ALA B 108 11.78 23.62 -6.27
N THR B 109 11.63 23.55 -4.93
CA THR B 109 12.40 22.68 -4.07
C THR B 109 11.40 21.97 -3.15
N LEU B 110 11.49 20.65 -3.08
CA LEU B 110 10.53 19.90 -2.27
C LEU B 110 10.98 19.96 -0.82
N PRO B 111 10.08 19.63 0.12
CA PRO B 111 10.51 19.53 1.53
C PRO B 111 11.69 18.58 1.73
N THR B 112 12.52 18.91 2.73
CA THR B 112 13.75 18.17 2.99
C THR B 112 13.53 16.67 3.18
N PHE B 113 12.46 16.29 3.88
CA PHE B 113 12.22 14.88 4.17
C PHE B 113 11.78 14.13 2.92
N LEU B 114 11.54 14.82 1.81
CA LEU B 114 11.26 14.17 0.53
C LEU B 114 12.49 14.16 -0.39
N ALA B 115 13.70 14.31 0.14
CA ALA B 115 14.91 14.30 -0.68
C ALA B 115 15.09 12.91 -1.27
N PRO B 116 15.56 12.81 -2.51
CA PRO B 116 15.67 11.48 -3.14
C PRO B 116 16.80 10.64 -2.57
N ASP B 117 16.59 9.33 -2.60
CA ASP B 117 17.66 8.38 -2.34
C ASP B 117 18.56 8.37 -3.57
N ALA B 118 19.67 9.11 -3.51
CA ALA B 118 20.59 9.29 -4.61
C ALA B 118 21.90 9.88 -4.08
N SER B 119 22.98 9.72 -4.85
CA SER B 119 24.27 10.36 -4.54
C SER B 119 24.59 11.51 -5.48
N TRP B 120 23.83 11.70 -6.55
CA TRP B 120 23.97 12.81 -7.46
C TRP B 120 22.60 13.04 -8.06
N ASN B 121 22.52 13.94 -9.02
CA ASN B 121 21.27 14.29 -9.63
C ASN B 121 20.59 13.06 -10.23
N LYS B 122 19.27 13.08 -10.23
CA LYS B 122 18.45 12.15 -11.02
C LYS B 122 17.90 12.88 -12.22
N LEU B 123 17.83 12.18 -13.36
CA LEU B 123 17.54 12.83 -14.64
C LEU B 123 16.16 12.42 -15.16
N TYR B 124 15.35 13.41 -15.53
CA TYR B 124 14.00 13.23 -16.03
C TYR B 124 13.78 13.96 -17.35
N SER B 125 13.17 13.30 -18.32
CA SER B 125 12.71 13.98 -19.52
CA SER B 125 12.72 13.99 -19.52
C SER B 125 11.28 14.46 -19.30
N ALA B 126 11.02 15.71 -19.65
CA ALA B 126 9.70 16.31 -19.43
C ALA B 126 9.15 16.88 -20.73
N ALA B 127 7.82 16.79 -20.85
CA ALA B 127 7.15 17.45 -21.96
C ALA B 127 7.01 18.95 -21.70
N GLN B 128 7.12 19.76 -22.76
CA GLN B 128 6.62 21.14 -22.69
C GLN B 128 5.21 21.20 -23.27
N GLN B 129 4.55 22.33 -23.00
CA GLN B 129 3.17 22.59 -23.39
C GLN B 129 3.13 23.08 -24.84
N SER B 130 3.34 22.15 -25.76
CA SER B 130 3.55 22.53 -27.16
C SER B 130 3.28 21.39 -28.11
N THR B 131 2.74 21.75 -29.30
CA THR B 131 2.55 20.76 -30.36
C THR B 131 3.85 20.43 -31.08
N ALA B 132 4.90 21.18 -30.85
CA ALA B 132 6.23 20.85 -31.40
C ALA B 132 6.93 19.89 -30.45
N ALA B 133 7.19 18.67 -30.93
CA ALA B 133 7.83 17.64 -30.12
C ALA B 133 9.28 17.92 -29.77
N SER B 134 9.94 18.88 -30.44
CA SER B 134 11.25 19.33 -30.00
C SER B 134 11.16 20.19 -28.75
N ASN B 135 10.00 20.64 -28.37
CA ASN B 135 9.84 21.41 -27.13
C ASN B 135 9.59 20.41 -25.99
N GLN B 136 10.68 19.90 -25.45
CA GLN B 136 10.73 19.04 -24.29
C GLN B 136 11.85 19.60 -23.41
N ALA B 137 12.07 19.00 -22.25
CA ALA B 137 13.00 19.52 -21.24
C ALA B 137 13.77 18.38 -20.60
N ASN B 138 15.02 18.69 -20.23
CA ASN B 138 15.83 17.87 -19.35
C ASN B 138 15.77 18.50 -17.94
N ILE B 139 15.36 17.71 -16.97
CA ILE B 139 15.22 18.13 -15.57
C ILE B 139 16.14 17.30 -14.72
N TYR B 140 16.90 17.97 -13.87
CA TYR B 140 17.72 17.32 -12.86
C TYR B 140 17.03 17.52 -11.49
N LEU B 141 16.83 16.45 -10.78
CA LEU B 141 16.33 16.44 -9.39
C LEU B 141 17.55 16.28 -8.51
N SER B 142 17.86 17.31 -7.74
CA SER B 142 19.10 17.27 -6.99
C SER B 142 18.96 16.48 -5.68
N VAL B 143 20.10 16.17 -5.07
CA VAL B 143 20.11 15.43 -3.82
C VAL B 143 19.40 16.22 -2.72
N SER B 144 19.31 17.53 -2.85
CA SER B 144 18.57 18.36 -1.89
C SER B 144 17.16 18.65 -2.36
N ALA B 145 16.69 17.89 -3.36
CA ALA B 145 15.31 17.92 -3.83
C ALA B 145 14.97 19.18 -4.59
N ASP B 146 15.95 19.84 -5.21
CA ASP B 146 15.68 20.93 -6.15
C ASP B 146 15.23 20.39 -7.51
N ILE B 147 14.23 20.98 -8.08
CA ILE B 147 13.78 20.62 -9.42
C ILE B 147 14.38 21.66 -10.37
N ASN B 148 15.45 21.26 -11.06
CA ASN B 148 16.29 22.16 -11.86
C ASN B 148 16.04 21.85 -13.33
N ILE B 149 15.35 22.76 -14.01
CA ILE B 149 15.12 22.65 -15.43
C ILE B 149 16.42 23.08 -16.11
N VAL B 150 17.20 22.11 -16.61
CA VAL B 150 18.55 22.45 -17.06
C VAL B 150 18.58 22.78 -18.55
N GLY B 151 17.65 22.25 -19.33
CA GLY B 151 17.58 22.56 -20.77
C GLY B 151 16.18 22.46 -21.29
N VAL B 152 15.76 23.34 -22.19
CA VAL B 152 14.43 23.28 -22.78
C VAL B 152 14.50 23.50 -24.29
N GLY B 153 13.49 23.02 -25.00
CA GLY B 153 13.36 23.34 -26.41
C GLY B 153 13.05 24.80 -26.66
N SER B 154 12.22 25.41 -25.81
CA SER B 154 11.90 26.83 -25.94
C SER B 154 11.64 27.44 -24.55
N VAL B 155 12.39 28.50 -24.22
CA VAL B 155 12.22 29.16 -22.94
C VAL B 155 10.87 29.83 -22.82
N ASP B 156 10.16 30.02 -23.94
CA ASP B 156 8.90 30.73 -23.91
C ASP B 156 7.70 29.79 -23.89
N VAL B 157 7.92 28.50 -23.65
CA VAL B 157 6.86 27.53 -23.54
C VAL B 157 6.87 26.94 -22.13
N ASN B 158 5.69 26.69 -21.57
CA ASN B 158 5.59 26.12 -20.22
C ASN B 158 6.19 24.69 -20.20
N THR B 159 6.60 24.24 -19.03
CA THR B 159 7.26 22.95 -18.85
C THR B 159 6.49 22.14 -17.80
N GLY B 160 6.18 20.90 -18.12
CA GLY B 160 5.47 20.04 -17.16
C GLY B 160 6.38 19.33 -16.17
N LEU B 161 5.84 19.11 -14.95
CA LEU B 161 6.53 18.38 -13.88
C LEU B 161 5.89 17.00 -13.62
N ASP B 162 4.85 16.61 -14.38
CA ASP B 162 4.02 15.44 -14.11
C ASP B 162 4.71 14.10 -14.26
N GLY B 163 5.89 14.07 -14.85
CA GLY B 163 6.67 12.84 -15.02
C GLY B 163 7.74 12.58 -13.95
N ILE B 164 7.84 13.40 -12.92
CA ILE B 164 8.86 13.23 -11.91
C ILE B 164 8.32 12.36 -10.79
N ILE B 165 8.87 11.15 -10.67
CA ILE B 165 8.46 10.17 -9.65
C ILE B 165 9.68 9.49 -9.12
N TYR B 166 9.81 9.32 -7.78
CA TYR B 166 11.02 8.75 -7.24
C TYR B 166 10.81 8.34 -5.78
N LEU B 167 11.76 7.56 -5.28
CA LEU B 167 11.76 7.13 -3.89
C LEU B 167 12.72 7.97 -3.07
N THR B 168 12.27 8.33 -1.86
CA THR B 168 13.14 9.08 -0.98
C THR B 168 14.11 8.20 -0.22
N LYS B 169 15.02 8.87 0.49
CA LYS B 169 15.94 8.19 1.39
C LYS B 169 15.23 7.81 2.69
N GLU B 170 15.95 7.02 3.48
CA GLU B 170 15.83 6.77 4.95
C GLU B 170 15.04 5.50 5.10
N ALA C 3 -29.49 -33.81 71.04
CA ALA C 3 -28.20 -34.36 71.40
C ALA C 3 -27.51 -34.86 70.11
N GLN C 4 -27.96 -36.00 69.58
CA GLN C 4 -27.45 -36.48 68.29
C GLN C 4 -28.19 -35.85 67.10
N PHE C 5 -29.24 -35.08 67.35
CA PHE C 5 -30.06 -34.53 66.28
C PHE C 5 -29.60 -33.11 65.93
N ALA C 6 -29.79 -32.73 64.67
CA ALA C 6 -29.36 -31.44 64.17
C ALA C 6 -30.33 -30.35 64.60
N GLN C 7 -29.79 -29.19 64.94
CA GLN C 7 -30.62 -28.06 65.35
C GLN C 7 -31.27 -27.38 64.14
N LYS C 8 -32.58 -27.13 64.24
CA LYS C 8 -33.29 -26.42 63.17
C LYS C 8 -32.72 -25.03 62.91
N THR C 9 -32.21 -24.34 63.93
CA THR C 9 -31.66 -23.01 63.67
C THR C 9 -30.41 -23.10 62.79
N VAL C 10 -29.59 -24.13 62.99
CA VAL C 10 -28.35 -24.26 62.21
C VAL C 10 -28.63 -24.67 60.77
N LEU C 11 -29.54 -25.64 60.57
CA LEU C 11 -29.99 -25.97 59.22
C LEU C 11 -30.58 -24.75 58.53
N ASP C 12 -31.44 -24.00 59.24
CA ASP C 12 -32.11 -22.86 58.63
C ASP C 12 -31.12 -21.79 58.23
N GLU C 13 -30.12 -21.52 59.07
CA GLU C 13 -29.12 -20.53 58.72
C GLU C 13 -28.34 -20.93 57.45
N HIS C 14 -27.96 -22.20 57.35
CA HIS C 14 -27.22 -22.64 56.19
C HIS C 14 -28.06 -22.52 54.93
N VAL C 15 -29.31 -23.02 54.99
CA VAL C 15 -30.21 -23.00 53.85
C VAL C 15 -30.47 -21.58 53.38
N ASN C 16 -30.36 -20.60 54.27
CA ASN C 16 -30.64 -19.21 53.94
C ASN C 16 -29.40 -18.40 53.61
N ASP C 17 -28.22 -19.03 53.56
CA ASP C 17 -26.99 -18.35 53.17
C ASP C 17 -26.83 -18.35 51.65
N ALA C 18 -27.43 -17.35 50.97
CA ALA C 18 -27.39 -17.32 49.50
C ALA C 18 -25.97 -17.11 48.98
N ASP C 19 -25.07 -16.53 49.78
CA ASP C 19 -23.74 -16.26 49.29
C ASP C 19 -22.94 -17.53 49.00
N ILE C 20 -23.26 -18.67 49.63
CA ILE C 20 -22.46 -19.88 49.45
C ILE C 20 -23.16 -20.88 48.55
N HIS C 21 -24.34 -20.55 48.07
CA HIS C 21 -25.10 -21.36 47.12
C HIS C 21 -25.20 -20.60 45.78
N VAL C 22 -25.70 -21.30 44.77
CA VAL C 22 -25.85 -20.76 43.42
C VAL C 22 -27.27 -21.02 42.92
N THR C 23 -27.53 -20.57 41.68
CA THR C 23 -28.77 -20.89 41.00
C THR C 23 -28.47 -21.62 39.70
N ALA C 24 -29.52 -22.25 39.14
CA ALA C 24 -29.36 -22.90 37.84
C ALA C 24 -28.90 -21.90 36.78
N THR C 25 -29.41 -20.67 36.84
CA THR C 25 -29.06 -19.64 35.89
C THR C 25 -27.61 -19.18 36.04
N ASP C 26 -27.13 -19.06 37.28
CA ASP C 26 -25.72 -18.81 37.49
C ASP C 26 -24.86 -19.81 36.74
N LYS C 27 -25.18 -21.11 36.90
CA LYS C 27 -24.30 -22.14 36.37
C LYS C 27 -24.30 -22.15 34.83
N THR C 28 -25.45 -21.90 34.22
CA THR C 28 -25.46 -21.76 32.76
C THR C 28 -24.63 -20.55 32.33
N ASN C 29 -24.78 -19.41 33.03
CA ASN C 29 -23.98 -18.23 32.72
CA ASN C 29 -23.98 -18.22 32.74
C ASN C 29 -22.49 -18.54 32.78
N TRP C 30 -22.03 -19.26 33.81
CA TRP C 30 -20.60 -19.53 33.93
C TRP C 30 -20.10 -20.59 32.95
N ASN C 31 -20.89 -21.64 32.70
CA ASN C 31 -20.48 -22.64 31.74
C ASN C 31 -20.36 -22.03 30.34
N ALA C 32 -21.17 -21.00 30.06
CA ALA C 32 -21.15 -20.35 28.74
C ALA C 32 -20.01 -19.37 28.56
N LYS C 33 -19.27 -19.05 29.60
CA LYS C 33 -18.17 -18.09 29.48
C LYS C 33 -17.12 -18.55 28.48
N GLU C 34 -16.41 -17.56 27.92
CA GLU C 34 -15.38 -17.84 26.94
C GLU C 34 -14.18 -18.54 27.56
N THR C 35 -13.53 -19.38 26.75
CA THR C 35 -12.30 -20.07 27.12
C THR C 35 -11.08 -19.37 26.56
N VAL C 36 -9.93 -19.66 27.15
CA VAL C 36 -8.67 -19.10 26.64
C VAL C 36 -8.44 -19.54 25.19
N GLU C 37 -8.75 -20.81 24.88
CA GLU C 37 -8.59 -21.33 23.55
C GLU C 37 -9.56 -20.66 22.58
N GLY C 38 -10.81 -20.41 23.02
CA GLY C 38 -11.81 -19.78 22.18
C GLY C 38 -11.45 -18.34 21.88
N ALA C 39 -10.98 -17.60 22.88
CA ALA C 39 -10.58 -16.22 22.66
C ALA C 39 -9.37 -16.16 21.74
N GLN C 40 -8.45 -17.12 21.86
CA GLN C 40 -7.26 -17.12 21.02
C GLN C 40 -7.63 -17.43 19.57
N ALA C 41 -8.62 -18.32 19.35
CA ALA C 41 -9.09 -18.62 18.01
C ALA C 41 -9.70 -17.37 17.36
N LYS C 42 -10.45 -16.59 18.13
CA LYS C 42 -11.06 -15.36 17.61
C LYS C 42 -9.99 -14.35 17.24
N ALA C 43 -8.93 -14.24 18.05
CA ALA C 43 -7.82 -13.33 17.73
C ALA C 43 -7.05 -13.81 16.51
N ASP C 44 -6.82 -15.12 16.41
CA ASP C 44 -6.13 -15.70 15.28
C ASP C 44 -6.90 -15.43 13.99
N LYS C 45 -8.23 -15.55 14.03
CA LYS C 45 -9.06 -15.28 12.87
C LYS C 45 -9.05 -13.79 12.50
N ALA C 46 -9.03 -12.89 13.49
CA ALA C 46 -8.89 -11.48 13.19
C ALA C 46 -7.57 -11.19 12.45
N LEU C 47 -6.48 -11.83 12.88
CA LEU C 47 -5.19 -11.66 12.20
C LEU C 47 -5.25 -12.20 10.77
N ALA C 48 -5.83 -13.40 10.61
CA ALA C 48 -5.91 -14.00 9.28
C ALA C 48 -6.78 -13.15 8.36
N ASP C 49 -7.90 -12.63 8.89
CA ASP C 49 -8.78 -11.78 8.09
C ASP C 49 -8.08 -10.47 7.70
N ALA C 50 -7.31 -9.88 8.61
CA ALA C 50 -6.55 -8.66 8.30
C ALA C 50 -5.56 -8.89 7.17
N LYS C 51 -4.82 -9.99 7.24
CA LYS C 51 -3.84 -10.30 6.21
C LYS C 51 -4.52 -10.47 4.84
N ALA C 52 -5.64 -11.19 4.82
CA ALA C 52 -6.38 -11.40 3.58
C ALA C 52 -6.88 -10.07 3.03
N PHE C 53 -7.37 -9.19 3.91
CA PHE C 53 -7.87 -7.91 3.45
C PHE C 53 -6.75 -7.05 2.87
N PHE C 54 -5.60 -7.05 3.53
CA PHE C 54 -4.48 -6.26 3.05
C PHE C 54 -4.00 -6.76 1.68
N GLU C 55 -3.86 -8.07 1.55
CA GLU C 55 -3.32 -8.63 0.31
C GLU C 55 -4.27 -8.36 -0.88
N LEU C 56 -5.58 -8.50 -0.66
CA LEU C 56 -6.55 -8.14 -1.70
C LEU C 56 -6.55 -6.63 -1.99
N SER C 57 -6.56 -5.81 -0.95
CA SER C 57 -6.64 -4.35 -1.08
CA SER C 57 -6.64 -4.36 -1.10
C SER C 57 -5.47 -3.79 -1.88
N SER C 58 -4.29 -4.39 -1.74
CA SER C 58 -3.08 -3.85 -2.37
C SER C 58 -2.77 -4.56 -3.69
N SER C 59 -3.66 -5.43 -4.19
CA SER C 59 -3.39 -6.15 -5.41
CA SER C 59 -3.39 -6.15 -5.41
C SER C 59 -3.64 -5.24 -6.62
N VAL C 60 -2.91 -5.52 -7.68
CA VAL C 60 -2.97 -4.68 -8.87
C VAL C 60 -4.17 -5.09 -9.70
N GLN C 61 -4.94 -4.13 -10.13
CA GLN C 61 -6.06 -4.31 -11.07
C GLN C 61 -5.68 -3.82 -12.46
N SER C 62 -6.38 -4.32 -13.47
CA SER C 62 -6.02 -4.00 -14.85
C SER C 62 -7.29 -3.73 -15.66
N VAL C 63 -7.18 -2.79 -16.61
CA VAL C 63 -8.23 -2.52 -17.59
C VAL C 63 -7.59 -2.28 -18.95
N THR C 64 -8.19 -2.86 -19.98
CA THR C 64 -7.70 -2.71 -21.35
C THR C 64 -8.44 -1.56 -22.01
N LEU C 65 -7.70 -0.68 -22.68
CA LEU C 65 -8.24 0.51 -23.30
C LEU C 65 -8.45 0.28 -24.80
N THR C 66 -9.49 0.82 -25.33
CA THR C 66 -9.81 0.71 -26.75
C THR C 66 -9.23 1.90 -27.52
N PRO C 67 -8.46 1.68 -28.57
CA PRO C 67 -7.90 2.81 -29.29
C PRO C 67 -8.99 3.59 -30.03
N LYS C 68 -8.80 4.87 -30.14
CA LYS C 68 -9.78 5.79 -30.71
C LYS C 68 -9.21 6.59 -31.87
N ASN C 69 -10.10 7.19 -32.63
CA ASN C 69 -9.76 8.18 -33.64
C ASN C 69 -8.76 7.61 -34.66
N GLY C 70 -8.92 6.34 -35.00
CA GLY C 70 -8.12 5.73 -36.04
C GLY C 70 -6.79 5.17 -35.58
N PHE C 71 -6.34 5.52 -34.37
CA PHE C 71 -5.13 4.87 -33.89
C PHE C 71 -5.37 3.38 -33.74
N VAL C 72 -4.28 2.63 -33.79
CA VAL C 72 -4.28 1.20 -33.52
C VAL C 72 -3.38 0.88 -32.33
N ALA C 73 -3.69 -0.22 -31.67
CA ALA C 73 -2.90 -0.71 -30.53
C ALA C 73 -1.86 -1.67 -31.09
N SER C 74 -0.64 -1.17 -31.30
CA SER C 74 0.42 -2.09 -31.77
C SER C 74 0.87 -3.03 -30.67
N GLN C 75 0.79 -2.61 -29.41
CA GLN C 75 0.80 -3.45 -28.22
C GLN C 75 -0.43 -3.09 -27.39
N PRO C 76 -1.07 -4.08 -26.72
CA PRO C 76 -2.30 -3.80 -25.95
C PRO C 76 -2.14 -2.61 -25.02
N LEU C 77 -3.17 -1.76 -24.99
CA LEU C 77 -3.20 -0.61 -24.11
C LEU C 77 -3.83 -1.07 -22.79
N ILE C 78 -3.03 -1.18 -21.76
CA ILE C 78 -3.49 -1.70 -20.49
C ILE C 78 -3.11 -0.69 -19.43
N ALA C 79 -4.09 -0.24 -18.64
CA ALA C 79 -3.87 0.59 -17.45
C ALA C 79 -3.94 -0.35 -16.23
N ARG C 80 -2.87 -0.36 -15.46
CA ARG C 80 -2.78 -1.13 -14.23
C ARG C 80 -2.84 -0.15 -13.08
N TYR C 81 -3.60 -0.50 -12.04
CA TYR C 81 -3.84 0.48 -10.99
C TYR C 81 -3.93 -0.18 -9.63
N ILE C 82 -3.50 0.58 -8.62
CA ILE C 82 -3.33 0.12 -7.23
C ILE C 82 -4.07 1.07 -6.31
N LYS C 83 -4.83 0.53 -5.34
CA LYS C 83 -5.55 1.40 -4.42
C LYS C 83 -4.62 1.96 -3.35
N PHE C 84 -4.68 3.27 -3.14
CA PHE C 84 -3.95 3.90 -2.04
C PHE C 84 -4.95 4.77 -1.30
N GLY C 85 -5.49 4.27 -0.19
CA GLY C 85 -6.57 4.99 0.47
C GLY C 85 -7.75 5.21 -0.47
N ASN C 86 -8.16 6.47 -0.57
CA ASN C 86 -9.30 6.85 -1.36
C ASN C 86 -8.90 7.28 -2.78
N ARG C 87 -7.68 6.89 -3.21
CA ARG C 87 -7.24 7.20 -4.56
C ARG C 87 -6.68 5.94 -5.20
N PHE C 88 -6.29 6.05 -6.47
CA PHE C 88 -5.59 4.99 -7.20
C PHE C 88 -4.31 5.54 -7.83
N LEU C 89 -3.24 4.75 -7.86
CA LEU C 89 -2.04 5.02 -8.66
C LEU C 89 -2.26 4.27 -9.97
N VAL C 90 -2.18 4.96 -11.09
CA VAL C 90 -2.45 4.40 -12.40
C VAL C 90 -1.13 4.34 -13.17
N ILE C 91 -0.84 3.20 -13.77
CA ILE C 91 0.37 3.02 -14.56
C ILE C 91 -0.05 2.51 -15.92
N VAL C 92 0.04 3.36 -16.94
CA VAL C 92 -0.41 2.99 -18.30
C VAL C 92 0.70 2.22 -19.02
N SER C 93 0.30 1.42 -20.01
CA SER C 93 1.26 0.66 -20.79
C SER C 93 0.70 0.48 -22.20
N GLY C 94 1.61 0.18 -23.13
CA GLY C 94 1.25 -0.14 -24.51
C GLY C 94 1.88 0.81 -25.50
N ILE C 95 1.63 0.53 -26.78
CA ILE C 95 2.23 1.27 -27.88
C ILE C 95 1.11 1.52 -28.90
N VAL C 96 0.93 2.76 -29.33
CA VAL C 96 -0.10 3.07 -30.33
C VAL C 96 0.57 3.34 -31.69
N GLY C 97 -0.15 2.95 -32.74
CA GLY C 97 0.25 3.30 -34.10
C GLY C 97 -0.76 4.22 -34.80
N LYS C 98 -0.27 4.91 -35.83
CA LYS C 98 -1.07 5.88 -36.57
C LYS C 98 -2.37 5.27 -37.09
N GLY C 99 -2.33 4.03 -37.55
CA GLY C 99 -3.53 3.37 -38.05
C GLY C 99 -4.13 4.19 -39.19
N THR C 100 -5.44 4.40 -39.14
CA THR C 100 -6.12 5.20 -40.15
C THR C 100 -6.32 6.65 -39.74
N GLY C 101 -5.69 7.11 -38.65
CA GLY C 101 -5.82 8.47 -38.18
C GLY C 101 -4.70 9.36 -38.64
N SER C 102 -4.53 10.49 -37.93
CA SER C 102 -3.51 11.47 -38.33
C SER C 102 -2.18 11.33 -37.61
N GLY C 103 -2.11 10.47 -36.59
CA GLY C 103 -0.91 10.38 -35.77
C GLY C 103 -0.91 11.28 -34.56
N THR C 104 -1.91 12.15 -34.43
CA THR C 104 -2.06 12.99 -33.25
C THR C 104 -3.54 12.96 -32.84
N GLY C 105 -3.84 13.57 -31.71
CA GLY C 105 -5.17 13.56 -31.15
C GLY C 105 -5.33 12.53 -30.05
N ILE C 106 -6.57 12.31 -29.66
CA ILE C 106 -6.88 11.40 -28.56
C ILE C 106 -6.80 9.95 -29.05
N CYS C 107 -5.87 9.18 -28.50
CA CYS C 107 -5.68 7.79 -28.94
C CYS C 107 -6.41 6.79 -28.06
N ALA C 108 -6.88 7.21 -26.90
CA ALA C 108 -7.53 6.33 -25.95
C ALA C 108 -8.01 7.19 -24.77
N THR C 109 -9.02 6.69 -24.07
CA THR C 109 -9.61 7.35 -22.91
C THR C 109 -9.67 6.35 -21.78
N LEU C 110 -9.19 6.75 -20.59
CA LEU C 110 -9.26 5.82 -19.49
C LEU C 110 -10.65 5.89 -18.87
N PRO C 111 -11.06 4.85 -18.16
CA PRO C 111 -12.36 4.87 -17.48
C PRO C 111 -12.51 6.08 -16.56
N THR C 112 -13.75 6.54 -16.41
CA THR C 112 -14.05 7.72 -15.61
C THR C 112 -13.54 7.61 -14.16
N PHE C 113 -13.63 6.42 -13.55
CA PHE C 113 -13.17 6.34 -12.16
C PHE C 113 -11.64 6.46 -12.05
N LEU C 114 -10.92 6.39 -13.18
CA LEU C 114 -9.46 6.60 -13.21
C LEU C 114 -9.08 8.00 -13.73
N ALA C 115 -10.00 8.97 -13.68
CA ALA C 115 -9.66 10.31 -14.05
C ALA C 115 -8.57 10.86 -13.13
N PRO C 116 -7.63 11.62 -13.68
CA PRO C 116 -6.53 12.16 -12.85
C PRO C 116 -6.96 13.27 -11.89
N ASP C 117 -6.25 13.37 -10.77
CA ASP C 117 -6.34 14.57 -9.92
C ASP C 117 -5.55 15.68 -10.63
N ALA C 118 -6.25 16.61 -11.27
CA ALA C 118 -5.66 17.71 -12.04
C ALA C 118 -6.73 18.76 -12.33
N SER C 119 -6.29 20.00 -12.53
CA SER C 119 -7.20 21.09 -12.91
C SER C 119 -7.12 21.44 -14.38
N TRP C 120 -6.09 20.94 -15.07
CA TRP C 120 -5.90 21.08 -16.50
C TRP C 120 -5.09 19.85 -16.93
N ASN C 121 -4.64 19.84 -18.15
CA ASN C 121 -3.90 18.68 -18.65
C ASN C 121 -2.64 18.41 -17.83
N LYS C 122 -2.29 17.14 -17.71
CA LYS C 122 -0.95 16.75 -17.26
C LYS C 122 -0.08 16.41 -18.46
N LEU C 123 1.22 16.74 -18.36
CA LEU C 123 2.15 16.70 -19.51
C LEU C 123 3.16 15.59 -19.34
N TYR C 124 3.30 14.72 -20.41
CA TYR C 124 4.21 13.60 -20.39
C TYR C 124 5.06 13.59 -21.66
N SER C 125 6.34 13.31 -21.51
CA SER C 125 7.18 13.00 -22.68
CA SER C 125 7.18 13.00 -22.67
C SER C 125 7.18 11.50 -22.92
N ALA C 126 6.94 11.09 -24.15
CA ALA C 126 6.90 9.68 -24.51
C ALA C 126 7.91 9.36 -25.62
N ALA C 127 8.45 8.15 -25.58
CA ALA C 127 9.36 7.67 -26.63
C ALA C 127 8.55 7.20 -27.82
N GLN C 128 9.09 7.43 -29.02
CA GLN C 128 8.59 6.77 -30.22
C GLN C 128 9.49 5.59 -30.58
N GLN C 129 8.98 4.69 -31.44
CA GLN C 129 9.66 3.46 -31.75
C GLN C 129 10.69 3.76 -32.85
N SER C 130 11.78 4.44 -32.45
CA SER C 130 12.69 4.99 -33.45
C SER C 130 14.07 5.20 -32.88
N THR C 131 15.11 4.99 -33.72
CA THR C 131 16.48 5.28 -33.27
C THR C 131 16.78 6.77 -33.27
N ALA C 132 15.97 7.57 -33.91
CA ALA C 132 16.13 9.02 -33.91
C ALA C 132 15.49 9.57 -32.63
N ALA C 133 16.30 10.14 -31.76
CA ALA C 133 15.80 10.67 -30.50
C ALA C 133 14.94 11.90 -30.66
N SER C 134 14.89 12.52 -31.83
CA SER C 134 13.94 13.58 -32.12
C SER C 134 12.53 13.02 -32.33
N ASN C 135 12.40 11.72 -32.53
CA ASN C 135 11.09 11.05 -32.61
C ASN C 135 10.66 10.66 -31.17
N GLN C 136 10.09 11.67 -30.51
CA GLN C 136 9.43 11.56 -29.22
C GLN C 136 8.10 12.33 -29.31
N ALA C 137 7.33 12.32 -28.21
CA ALA C 137 5.97 12.82 -28.28
C ALA C 137 5.71 13.63 -27.02
N ASN C 138 4.94 14.69 -27.16
CA ASN C 138 4.32 15.40 -26.05
C ASN C 138 2.88 14.91 -25.94
N ILE C 139 2.54 14.37 -24.76
CA ILE C 139 1.24 13.78 -24.54
C ILE C 139 0.57 14.58 -23.44
N TYR C 140 -0.67 14.96 -23.65
CA TYR C 140 -1.50 15.57 -22.62
C TYR C 140 -2.48 14.54 -22.09
N LEU C 141 -2.54 14.37 -20.78
CA LEU C 141 -3.57 13.58 -20.14
C LEU C 141 -4.62 14.57 -19.65
N SER C 142 -5.82 14.52 -20.22
CA SER C 142 -6.78 15.54 -19.88
C SER C 142 -7.49 15.23 -18.57
N VAL C 143 -8.23 16.22 -18.05
CA VAL C 143 -8.98 16.04 -16.81
C VAL C 143 -10.06 14.98 -16.98
N SER C 144 -10.47 14.70 -18.21
CA SER C 144 -11.43 13.62 -18.45
C SER C 144 -10.75 12.33 -18.82
N ALA C 145 -9.43 12.22 -18.62
CA ALA C 145 -8.64 11.02 -18.77
C ALA C 145 -8.43 10.63 -20.23
N ASP C 146 -8.48 11.62 -21.14
CA ASP C 146 -8.08 11.39 -22.52
C ASP C 146 -6.57 11.41 -22.66
N ILE C 147 -6.02 10.46 -23.42
CA ILE C 147 -4.59 10.42 -23.73
C ILE C 147 -4.45 11.08 -25.10
N ASN C 148 -4.00 12.32 -25.08
CA ASN C 148 -3.98 13.16 -26.28
C ASN C 148 -2.56 13.34 -26.75
N ILE C 149 -2.23 12.72 -27.89
CA ILE C 149 -0.90 12.88 -28.47
C ILE C 149 -0.91 14.23 -29.19
N VAL C 150 -0.30 15.25 -28.58
CA VAL C 150 -0.45 16.59 -29.13
C VAL C 150 0.67 16.92 -30.13
N GLY C 151 1.85 16.36 -29.96
CA GLY C 151 2.94 16.54 -30.90
C GLY C 151 3.83 15.32 -30.95
N VAL C 152 4.31 14.98 -32.16
CA VAL C 152 5.21 13.84 -32.33
C VAL C 152 6.32 14.25 -33.30
N GLY C 153 7.45 13.60 -33.19
CA GLY C 153 8.51 13.82 -34.15
C GLY C 153 8.13 13.30 -35.53
N SER C 154 7.44 12.16 -35.56
CA SER C 154 6.98 11.64 -36.84
C SER C 154 5.63 10.96 -36.66
N VAL C 155 4.61 11.41 -37.42
CA VAL C 155 3.30 10.78 -37.33
C VAL C 155 3.29 9.36 -37.85
N ASP C 156 4.32 8.94 -38.57
CA ASP C 156 4.34 7.60 -39.13
C ASP C 156 5.13 6.61 -38.30
N VAL C 157 5.48 6.95 -37.05
CA VAL C 157 6.19 6.06 -36.15
C VAL C 157 5.31 5.85 -34.91
N ASN C 158 5.29 4.66 -34.37
CA ASN C 158 4.47 4.34 -33.21
C ASN C 158 4.97 5.09 -31.98
N THR C 159 4.05 5.30 -31.03
CA THR C 159 4.32 6.07 -29.80
C THR C 159 4.02 5.22 -28.58
N GLY C 160 4.95 5.20 -27.60
CA GLY C 160 4.79 4.39 -26.38
C GLY C 160 4.02 5.11 -25.29
N LEU C 161 3.26 4.34 -24.50
CA LEU C 161 2.51 4.93 -23.36
C LEU C 161 3.07 4.52 -22.02
N ASP C 162 4.15 3.76 -22.03
CA ASP C 162 4.65 3.07 -20.83
C ASP C 162 5.16 3.99 -19.73
N GLY C 163 5.34 5.26 -19.99
CA GLY C 163 5.78 6.21 -18.97
C GLY C 163 4.69 7.04 -18.31
N ILE C 164 3.44 6.83 -18.63
CA ILE C 164 2.36 7.66 -18.09
C ILE C 164 1.90 7.06 -16.76
N ILE C 165 2.19 7.78 -15.66
CA ILE C 165 1.86 7.34 -14.31
C ILE C 165 1.28 8.51 -13.56
N TYR C 166 0.18 8.29 -12.83
CA TYR C 166 -0.49 9.40 -12.17
C TYR C 166 -1.41 8.92 -11.06
N LEU C 167 -1.79 9.87 -10.20
CA LEU C 167 -2.79 9.61 -9.16
C LEU C 167 -4.18 10.14 -9.51
N THR C 168 -5.21 9.38 -9.16
CA THR C 168 -6.58 9.84 -9.31
C THR C 168 -7.01 10.81 -8.17
N LYS C 169 -8.22 11.37 -8.29
CA LYS C 169 -8.80 12.21 -7.25
C LYS C 169 -9.25 11.38 -6.04
N GLU C 170 -9.39 12.05 -4.90
CA GLU C 170 -9.97 11.48 -3.70
C GLU C 170 -11.45 11.20 -3.95
N VAL C 171 -11.83 9.93 -3.83
CA VAL C 171 -13.22 9.54 -4.00
C VAL C 171 -13.66 8.70 -2.79
OH2 1PE D . 30.45 11.71 -32.45
C12 1PE D . 30.89 12.85 -31.71
C22 1PE D . 32.22 12.71 -30.94
OH3 1PE D . 32.30 11.48 -30.36
C13 1PE D . 33.49 9.47 -29.78
C23 1PE D . 33.60 10.97 -30.06
OH4 1PE D . 34.58 8.72 -30.24
C14 1PE D . 35.47 6.92 -31.53
C24 1PE D . 34.31 7.91 -31.35
OH5 1PE D . 35.99 6.69 -30.23
C15 1PE D . 37.31 5.14 -28.94
C25 1PE D . 36.05 5.38 -29.79
OH6 1PE D . 37.00 5.27 -27.57
C16 1PE D . 37.03 4.44 -25.32
C26 1PE D . 36.98 4.09 -26.82
OH7 1PE D . 37.37 5.79 -25.13
HO2 1PE D . 29.65 11.83 -32.71
H121 1PE D . 30.21 13.06 -31.07
H122 1PE D . 30.99 13.59 -32.34
H221 1PE D . 32.97 12.83 -31.55
H222 1PE D . 32.27 13.39 -30.26
H131 1PE D . 32.69 9.13 -30.20
H132 1PE D . 33.43 9.35 -28.80
H231 1PE D . 33.97 11.42 -29.29
H232 1PE D . 34.19 11.10 -30.82
H141 1PE D . 36.15 7.29 -32.11
H142 1PE D . 35.14 6.09 -31.92
H241 1PE D . 33.48 7.43 -31.20
H242 1PE D . 34.22 8.46 -32.15
H151 1PE D . 37.65 4.23 -29.10
H152 1PE D . 38.00 5.77 -29.19
H251 1PE D . 35.27 5.18 -29.24
H252 1PE D . 36.06 4.78 -30.55
H161 1PE D . 37.70 3.89 -24.89
H162 1PE D . 36.17 4.27 -24.92
H261 1PE D . 37.74 3.54 -27.05
H262 1PE D . 36.16 3.61 -27.00
HO7 1PE D . 37.51 5.94 -24.30
CD CD E . 12.85 14.92 -26.78
CD CD F . -25.80 -26.44 51.13
CD CD G . -0.13 -9.99 -17.47
CD CD H . -22.08 -28.62 37.68
CD CD I . -2.81 -10.03 -8.50
C ACT J . 10.02 39.57 -17.36
O ACT J . 11.06 39.17 -17.94
OXT ACT J . 9.91 40.24 -16.28
CH3 ACT J . 8.70 39.20 -18.10
H1 ACT J . 7.94 39.58 -17.62
H2 ACT J . 8.61 38.24 -18.16
H3 ACT J . 8.72 39.57 -19.01
OH2 1PE K . -26.24 -39.60 53.58
C12 1PE K . -24.88 -39.82 53.83
C22 1PE K . -24.28 -38.56 54.45
OH3 1PE K . -23.07 -38.85 55.10
C13 1PE K . -22.26 -39.10 57.37
C23 1PE K . -22.86 -38.17 56.32
OH4 1PE K . -23.30 -39.59 58.19
C14 1PE K . -22.60 -41.80 58.90
C24 1PE K . -22.93 -40.36 59.30
OH5 1PE K . -21.60 -42.28 59.76
C15 1PE K . -19.55 -42.23 58.50
C25 1PE K . -20.62 -43.10 59.17
OH6 1PE K . -20.06 -41.66 57.32
C16 1PE K . -20.37 -41.83 54.95
C26 1PE K . -20.31 -42.57 56.28
OH7 1PE K . -21.63 -41.27 54.75
HO2 1PE K . -26.48 -40.05 52.89
H121 1PE K . -24.78 -40.56 54.44
H122 1PE K . -24.42 -40.02 53.00
H221 1PE K . -24.11 -37.90 53.75
H222 1PE K . -24.90 -38.18 55.09
H131 1PE K . -21.63 -38.61 57.91
H132 1PE K . -21.81 -39.85 56.94
H231 1PE K . -22.26 -37.43 56.17
H232 1PE K . -23.72 -37.84 56.64
H141 1PE K . -23.39 -42.35 58.97
H142 1PE K . -22.28 -41.82 57.98
H241 1PE K . -23.66 -40.37 59.94
H242 1PE K . -22.14 -39.97 59.71
H151 1PE K . -18.79 -42.78 58.28
H152 1PE K . -19.29 -41.53 59.11
H251 1PE K . -21.03 -43.67 58.51
H252 1PE K . -20.20 -43.64 59.86
H161 1PE K . -19.71 -41.13 54.95
H162 1PE K . -20.18 -42.46 54.23
H261 1PE K . -21.16 -43.01 56.44
H262 1PE K . -19.60 -43.23 56.25
HO7 1PE K . -22.12 -41.41 55.43
CD CD L . 19.62 4.06 0.06
C ACT M . -13.87 0.88 -8.98
O ACT M . -14.58 0.60 -9.99
OXT ACT M . -13.05 0.15 -8.40
CH3 ACT M . -14.03 2.29 -8.41
H1 ACT M . -14.96 2.51 -8.35
H2 ACT M . -13.62 2.33 -7.53
H3 ACT M . -13.58 2.92 -9.00
CD CD N . -7.31 17.03 -5.61
CD CD O . -26.48 -15.48 41.35
CD CD P . 0.08 -14.00 -0.04
#